data_6GIJ
#
_entry.id   6GIJ
#
_entity_poly.entity_id   1
_entity_poly.type   'polypeptide(L)'
_entity_poly.pdbx_seq_one_letter_code
;KKLLPIVANLLKSLL
;
_entity_poly.pdbx_strand_id   A
#
# COMPACT_ATOMS: atom_id res chain seq x y z
N LYS A 1 -8.93 -8.27 1.23
CA LYS A 1 -9.84 -7.84 2.28
C LYS A 1 -9.48 -6.43 2.76
N LYS A 2 -9.70 -5.45 1.89
CA LYS A 2 -9.40 -4.06 2.23
C LYS A 2 -7.95 -3.94 2.72
N LEU A 3 -7.60 -2.75 3.20
CA LEU A 3 -6.25 -2.51 3.67
C LEU A 3 -5.27 -2.70 2.51
N LEU A 4 -5.81 -2.95 1.32
CA LEU A 4 -4.97 -3.13 0.14
C LEU A 4 -4.39 -1.79 -0.35
N PRO A 5 -5.14 -0.67 -0.25
CA PRO A 5 -4.66 0.64 -0.70
C PRO A 5 -3.92 1.39 0.41
N ILE A 6 -3.15 0.65 1.21
CA ILE A 6 -2.38 1.25 2.32
C ILE A 6 -1.06 0.51 2.49
N VAL A 7 -1.14 -0.80 2.73
CA VAL A 7 0.06 -1.60 2.91
C VAL A 7 0.89 -1.60 1.66
N ALA A 8 0.19 -1.45 0.59
CA ALA A 8 0.78 -1.40 -0.74
C ALA A 8 1.42 -0.05 -1.00
N ASN A 9 0.90 0.99 -0.35
CA ASN A 9 1.44 2.33 -0.51
C ASN A 9 2.81 2.44 0.15
N LEU A 10 2.94 1.82 1.32
CA LEU A 10 4.21 1.85 2.04
C LEU A 10 5.22 0.92 1.39
N LEU A 11 4.73 -0.18 0.83
CA LEU A 11 5.61 -1.16 0.18
C LEU A 11 6.46 -0.47 -0.89
N LYS A 12 5.84 -0.13 -2.01
CA LYS A 12 6.56 0.53 -3.10
C LYS A 12 6.84 1.99 -2.75
N SER A 13 5.89 2.87 -3.09
CA SER A 13 6.05 4.29 -2.80
C SER A 13 4.72 5.02 -3.00
N LEU A 14 4.60 5.70 -4.14
CA LEU A 14 3.36 6.44 -4.44
C LEU A 14 2.26 5.46 -4.81
N LEU A 15 2.51 4.62 -5.79
CA LEU A 15 1.52 3.63 -6.23
C LEU A 15 1.40 2.51 -5.20
N LYS A 1 -12.33 -1.83 8.39
CA LYS A 1 -11.90 -1.65 7.01
C LYS A 1 -10.38 -1.55 6.92
N LYS A 2 -9.76 -2.55 6.32
CA LYS A 2 -8.30 -2.56 6.17
C LYS A 2 -7.87 -3.55 5.11
N LEU A 3 -6.57 -3.68 4.93
CA LEU A 3 -6.02 -4.59 3.92
C LEU A 3 -6.24 -3.97 2.54
N LEU A 4 -6.91 -2.82 2.51
CA LEU A 4 -7.18 -2.12 1.26
C LEU A 4 -5.87 -1.54 0.71
N PRO A 5 -5.78 -1.27 -0.61
CA PRO A 5 -4.55 -0.69 -1.20
C PRO A 5 -3.96 0.45 -0.37
N ILE A 6 -3.18 0.08 0.66
CA ILE A 6 -2.56 1.07 1.54
C ILE A 6 -1.24 0.50 2.07
N VAL A 7 -1.31 -0.69 2.67
CA VAL A 7 -0.12 -1.33 3.22
C VAL A 7 0.92 -1.50 2.14
N ALA A 8 0.40 -1.66 0.97
CA ALA A 8 1.20 -1.85 -0.24
C ALA A 8 1.83 -0.52 -0.66
N ASN A 9 1.05 0.55 -0.59
CA ASN A 9 1.54 1.87 -0.96
C ASN A 9 2.83 2.19 -0.22
N LEU A 10 3.04 1.52 0.91
CA LEU A 10 4.24 1.75 1.71
C LEU A 10 5.47 1.19 1.00
N LEU A 11 5.32 0.00 0.41
CA LEU A 11 6.42 -0.63 -0.30
C LEU A 11 6.66 0.07 -1.64
N LYS A 12 5.60 0.67 -2.18
CA LYS A 12 5.70 1.38 -3.45
C LYS A 12 6.43 2.71 -3.26
N SER A 13 6.09 3.42 -2.19
CA SER A 13 6.71 4.71 -1.90
C SER A 13 8.22 4.57 -1.87
N LEU A 14 8.92 5.71 -1.78
CA LEU A 14 10.37 5.71 -1.74
C LEU A 14 10.89 7.11 -1.44
N LEU A 15 10.58 8.06 -2.32
CA LEU A 15 11.02 9.43 -2.13
C LEU A 15 10.31 10.06 -0.93
N LYS A 1 -10.54 -5.56 6.58
CA LYS A 1 -9.32 -6.35 6.42
C LYS A 1 -8.19 -5.48 5.89
N LYS A 2 -6.96 -5.82 6.30
CA LYS A 2 -5.80 -5.06 5.88
C LYS A 2 -5.47 -5.35 4.42
N LEU A 3 -4.18 -5.30 4.10
CA LEU A 3 -3.75 -5.54 2.73
C LEU A 3 -4.36 -4.50 1.80
N LEU A 4 -5.10 -3.55 2.38
CA LEU A 4 -5.74 -2.51 1.59
C LEU A 4 -4.67 -1.74 0.79
N PRO A 5 -5.00 -1.25 -0.42
CA PRO A 5 -4.05 -0.49 -1.26
C PRO A 5 -3.10 0.38 -0.44
N ILE A 6 -3.57 0.84 0.72
CA ILE A 6 -2.75 1.68 1.58
C ILE A 6 -1.56 0.90 2.13
N VAL A 7 -1.83 -0.30 2.65
CA VAL A 7 -0.78 -1.14 3.20
C VAL A 7 0.25 -1.43 2.15
N ALA A 8 -0.23 -1.44 0.95
CA ALA A 8 0.59 -1.70 -0.23
C ALA A 8 1.33 -0.44 -0.65
N ASN A 9 0.71 0.71 -0.45
CA ASN A 9 1.32 1.99 -0.81
C ASN A 9 2.72 2.08 -0.22
N LEU A 10 2.92 1.46 0.94
CA LEU A 10 4.21 1.49 1.60
C LEU A 10 5.25 0.76 0.76
N LEU A 11 4.86 -0.40 0.23
CA LEU A 11 5.77 -1.20 -0.59
C LEU A 11 5.85 -0.61 -2.00
N LYS A 12 6.00 0.70 -2.09
CA LYS A 12 6.08 1.36 -3.39
C LYS A 12 6.62 2.78 -3.24
N SER A 13 6.17 3.46 -2.19
CA SER A 13 6.61 4.84 -1.94
C SER A 13 8.10 4.87 -1.60
N LEU A 14 8.93 4.96 -2.62
CA LEU A 14 10.38 5.00 -2.43
C LEU A 14 10.83 3.85 -1.53
N LEU A 15 11.93 4.07 -0.82
CA LEU A 15 12.48 3.04 0.07
C LEU A 15 11.67 3.00 1.37
N LYS A 1 -10.89 -2.87 6.00
CA LYS A 1 -11.34 -3.48 4.75
C LYS A 1 -10.64 -2.83 3.56
N LYS A 2 -10.26 -3.64 2.58
CA LYS A 2 -9.59 -3.12 1.40
C LYS A 2 -8.39 -2.27 1.78
N LEU A 3 -7.51 -2.84 2.59
CA LEU A 3 -6.31 -2.13 3.00
C LEU A 3 -5.31 -2.14 1.86
N LEU A 4 -5.75 -2.62 0.70
CA LEU A 4 -4.89 -2.71 -0.48
C LEU A 4 -3.98 -1.46 -0.61
N PRO A 5 -4.55 -0.26 -0.84
CA PRO A 5 -3.76 0.97 -1.00
C PRO A 5 -2.88 1.26 0.22
N ILE A 6 -3.31 0.80 1.40
CA ILE A 6 -2.54 1.03 2.62
C ILE A 6 -1.27 0.18 2.63
N VAL A 7 -1.44 -1.12 2.39
CA VAL A 7 -0.31 -2.04 2.38
C VAL A 7 0.69 -1.62 1.33
N ALA A 8 0.14 -1.03 0.34
CA ALA A 8 0.92 -0.53 -0.80
C ALA A 8 1.76 0.67 -0.39
N ASN A 9 1.22 1.51 0.47
CA ASN A 9 1.93 2.69 0.94
C ASN A 9 3.22 2.29 1.67
N LEU A 10 3.23 1.06 2.20
CA LEU A 10 4.40 0.56 2.91
C LEU A 10 5.52 0.25 1.93
N LEU A 11 5.19 -0.44 0.84
CA LEU A 11 6.19 -0.78 -0.17
C LEU A 11 6.56 0.45 -0.99
N LYS A 12 5.79 1.53 -0.83
CA LYS A 12 6.05 2.76 -1.56
C LYS A 12 6.03 2.50 -3.06
N SER A 13 4.85 2.23 -3.60
CA SER A 13 4.71 1.97 -5.03
C SER A 13 3.23 1.98 -5.43
N LEU A 14 2.84 2.99 -6.21
CA LEU A 14 1.46 3.09 -6.66
C LEU A 14 1.16 2.04 -7.73
N LEU A 15 -0.10 1.62 -7.81
CA LEU A 15 -0.49 0.62 -8.79
C LEU A 15 -0.51 1.22 -10.19
N LYS A 1 -13.37 -5.89 3.12
CA LYS A 1 -13.00 -4.49 3.07
C LYS A 1 -11.59 -4.28 3.64
N LYS A 2 -10.60 -4.83 2.94
CA LYS A 2 -9.21 -4.70 3.38
C LYS A 2 -8.27 -5.01 2.23
N LEU A 3 -6.97 -5.08 2.56
CA LEU A 3 -5.96 -5.35 1.55
C LEU A 3 -5.89 -4.16 0.59
N LEU A 4 -6.71 -3.16 0.85
CA LEU A 4 -6.73 -1.95 0.02
C LEU A 4 -5.31 -1.39 -0.12
N PRO A 5 -5.03 -0.63 -1.19
CA PRO A 5 -3.69 -0.04 -1.40
C PRO A 5 -3.32 0.91 -0.26
N ILE A 6 -2.87 0.33 0.85
CA ILE A 6 -2.47 1.12 2.02
C ILE A 6 -1.29 0.45 2.73
N VAL A 7 -1.40 -0.84 2.96
CA VAL A 7 -0.33 -1.59 3.62
C VAL A 7 0.85 -1.72 2.69
N ALA A 8 0.49 -1.74 1.45
CA ALA A 8 1.45 -1.87 0.34
C ALA A 8 1.93 -0.50 -0.11
N ASN A 9 1.12 0.52 0.13
CA ASN A 9 1.47 1.88 -0.25
C ASN A 9 2.86 2.25 0.27
N LEU A 10 3.27 1.60 1.35
CA LEU A 10 4.57 1.88 1.94
C LEU A 10 5.68 1.30 1.06
N LEU A 11 5.48 0.09 0.56
CA LEU A 11 6.46 -0.55 -0.29
C LEU A 11 6.51 0.12 -1.67
N LYS A 12 5.35 0.21 -2.31
CA LYS A 12 5.27 0.83 -3.63
C LYS A 12 5.80 2.27 -3.58
N SER A 13 5.73 2.88 -2.40
CA SER A 13 6.20 4.25 -2.23
C SER A 13 5.60 5.16 -3.29
N LEU A 14 6.21 6.32 -3.49
CA LEU A 14 5.71 7.27 -4.48
C LEU A 14 6.07 6.80 -5.89
N LEU A 15 7.37 6.60 -6.13
CA LEU A 15 7.83 6.16 -7.44
C LEU A 15 7.43 4.70 -7.68
N LYS A 1 -8.30 -7.79 6.25
CA LYS A 1 -8.28 -7.86 4.79
C LYS A 1 -8.08 -6.47 4.20
N LYS A 2 -7.04 -5.78 4.66
CA LYS A 2 -6.74 -4.43 4.17
C LYS A 2 -6.05 -4.51 2.81
N LEU A 3 -6.59 -5.33 1.91
CA LEU A 3 -6.03 -5.46 0.58
C LEU A 3 -6.12 -4.12 -0.14
N LEU A 4 -6.75 -3.14 0.52
CA LEU A 4 -6.90 -1.81 -0.05
C LEU A 4 -5.55 -1.07 0.00
N PRO A 5 -5.29 -0.10 -0.92
CA PRO A 5 -4.03 0.67 -0.92
C PRO A 5 -3.60 1.11 0.49
N ILE A 6 -2.94 0.21 1.22
CA ILE A 6 -2.45 0.49 2.57
C ILE A 6 -1.20 -0.34 2.84
N VAL A 7 -1.30 -1.64 2.61
CA VAL A 7 -0.18 -2.54 2.82
C VAL A 7 0.90 -2.25 1.81
N ALA A 8 0.43 -1.79 0.70
CA ALA A 8 1.27 -1.44 -0.44
C ALA A 8 1.81 -0.02 -0.29
N ASN A 9 1.03 0.83 0.37
CA ASN A 9 1.44 2.22 0.57
C ASN A 9 2.81 2.28 1.23
N LEU A 10 3.08 1.31 2.11
CA LEU A 10 4.36 1.27 2.80
C LEU A 10 5.47 0.88 1.83
N LEU A 11 5.13 0.09 0.82
CA LEU A 11 6.11 -0.35 -0.17
C LEU A 11 6.65 0.86 -0.93
N LYS A 12 5.84 1.90 -1.01
CA LYS A 12 6.25 3.13 -1.72
C LYS A 12 6.65 2.81 -3.15
N SER A 13 5.65 2.64 -4.01
CA SER A 13 5.90 2.34 -5.42
C SER A 13 6.37 3.57 -6.16
N LEU A 14 5.46 4.52 -6.36
CA LEU A 14 5.80 5.76 -7.05
C LEU A 14 6.75 6.60 -6.21
N LEU A 15 7.84 7.05 -6.83
CA LEU A 15 8.82 7.85 -6.12
C LEU A 15 8.33 9.29 -5.96
N LYS A 1 -5.50 -10.69 5.24
CA LYS A 1 -5.89 -10.27 3.90
C LYS A 1 -6.03 -8.75 3.82
N LYS A 2 -5.03 -8.05 4.33
CA LYS A 2 -5.03 -6.59 4.32
C LYS A 2 -4.64 -6.07 2.95
N LEU A 3 -5.28 -6.61 1.92
CA LEU A 3 -5.00 -6.18 0.56
C LEU A 3 -5.43 -4.73 0.38
N LEU A 4 -5.97 -4.15 1.46
CA LEU A 4 -6.41 -2.77 1.42
C LEU A 4 -5.25 -1.84 1.02
N PRO A 5 -5.54 -0.67 0.42
CA PRO A 5 -4.49 0.28 -0.01
C PRO A 5 -3.30 0.34 0.96
N ILE A 6 -3.53 -0.03 2.23
CA ILE A 6 -2.47 0.00 3.23
C ILE A 6 -1.16 -0.55 2.67
N VAL A 7 -1.21 -1.77 2.14
CA VAL A 7 -0.01 -2.40 1.59
C VAL A 7 0.54 -1.58 0.44
N ALA A 8 -0.38 -0.94 -0.19
CA ALA A 8 -0.07 -0.07 -1.33
C ALA A 8 0.36 1.31 -0.85
N ASN A 9 1.17 1.98 -1.67
CA ASN A 9 1.67 3.32 -1.32
C ASN A 9 2.75 3.23 -0.25
N LEU A 10 2.56 2.31 0.71
CA LEU A 10 3.53 2.12 1.79
C LEU A 10 4.51 1.01 1.44
N LEU A 11 4.21 0.26 0.39
CA LEU A 11 5.09 -0.84 -0.04
C LEU A 11 6.52 -0.34 -0.16
N LYS A 12 6.77 0.50 -1.16
CA LYS A 12 8.11 1.05 -1.38
C LYS A 12 8.06 2.14 -2.46
N SER A 13 6.91 2.26 -3.12
CA SER A 13 6.73 3.27 -4.17
C SER A 13 7.26 4.63 -3.70
N LEU A 14 7.83 5.38 -4.64
CA LEU A 14 8.37 6.69 -4.32
C LEU A 14 9.45 6.57 -3.24
N LEU A 15 10.68 6.31 -3.65
CA LEU A 15 11.80 6.16 -2.71
C LEU A 15 12.49 7.52 -2.50
N LYS A 1 -14.65 -0.15 2.67
CA LYS A 1 -13.33 -0.09 3.28
C LYS A 1 -12.25 0.11 2.20
N LYS A 2 -11.04 0.42 2.64
CA LYS A 2 -9.93 0.64 1.71
C LYS A 2 -8.60 0.48 2.42
N LEU A 3 -8.37 -0.72 2.93
CA LEU A 3 -7.12 -1.06 3.60
C LEU A 3 -6.28 -1.88 2.62
N LEU A 4 -6.78 -2.00 1.40
CA LEU A 4 -6.09 -2.76 0.36
C LEU A 4 -4.96 -1.96 -0.30
N PRO A 5 -5.13 -0.64 -0.50
CA PRO A 5 -4.09 0.19 -1.14
C PRO A 5 -3.07 0.73 -0.14
N ILE A 6 -3.36 0.60 1.14
CA ILE A 6 -2.43 1.08 2.17
C ILE A 6 -1.22 0.16 2.26
N VAL A 7 -1.43 -1.12 1.98
CA VAL A 7 -0.34 -2.08 2.03
C VAL A 7 0.78 -1.66 1.11
N ALA A 8 0.36 -0.99 0.09
CA ALA A 8 1.25 -0.47 -0.93
C ALA A 8 2.09 0.68 -0.40
N ASN A 9 1.50 1.48 0.48
CA ASN A 9 2.20 2.61 1.06
C ASN A 9 3.52 2.16 1.67
N LEU A 10 3.48 1.05 2.40
CA LEU A 10 4.68 0.53 3.04
C LEU A 10 5.76 0.26 2.00
N LEU A 11 5.38 -0.43 0.92
CA LEU A 11 6.33 -0.74 -0.15
C LEU A 11 6.61 0.50 -0.98
N LYS A 12 5.84 1.56 -0.75
CA LYS A 12 6.02 2.81 -1.49
C LYS A 12 5.96 2.55 -2.99
N SER A 13 4.75 2.40 -3.52
CA SER A 13 4.56 2.15 -4.94
C SER A 13 4.75 3.45 -5.73
N LEU A 14 3.64 4.07 -6.14
CA LEU A 14 3.71 5.31 -6.90
C LEU A 14 4.68 5.18 -8.07
N LEU A 15 4.25 4.48 -9.11
CA LEU A 15 5.10 4.28 -10.29
C LEU A 15 5.13 5.54 -11.15
N LYS A 1 -11.07 -6.78 1.39
CA LYS A 1 -11.96 -5.80 2.00
C LYS A 1 -11.20 -4.54 2.36
N LYS A 2 -10.98 -3.67 1.37
CA LYS A 2 -10.27 -2.43 1.61
C LYS A 2 -8.92 -2.70 2.26
N LEU A 3 -8.30 -1.64 2.76
CA LEU A 3 -6.99 -1.76 3.39
C LEU A 3 -5.97 -2.23 2.36
N LEU A 4 -6.42 -2.41 1.12
CA LEU A 4 -5.52 -2.86 0.05
C LEU A 4 -4.63 -1.71 -0.44
N PRO A 5 -5.13 -0.45 -0.48
CA PRO A 5 -4.34 0.69 -0.93
C PRO A 5 -3.56 1.35 0.20
N ILE A 6 -3.04 0.53 1.11
CA ILE A 6 -2.27 1.02 2.26
C ILE A 6 -1.03 0.16 2.47
N VAL A 7 -1.17 -1.15 2.27
CA VAL A 7 -0.05 -2.06 2.44
C VAL A 7 1.00 -1.79 1.39
N ALA A 8 0.49 -1.31 0.30
CA ALA A 8 1.31 -0.98 -0.87
C ALA A 8 1.95 0.40 -0.69
N ASN A 9 1.30 1.26 0.09
CA ASN A 9 1.81 2.60 0.34
C ASN A 9 3.19 2.54 1.00
N LEU A 10 3.29 1.78 2.08
CA LEU A 10 4.56 1.65 2.80
C LEU A 10 5.52 0.74 2.03
N LEU A 11 5.00 -0.02 1.08
CA LEU A 11 5.81 -0.94 0.27
C LEU A 11 5.90 -0.44 -1.17
N LYS A 12 6.78 0.53 -1.41
CA LYS A 12 6.95 1.07 -2.75
C LYS A 12 5.63 1.62 -3.28
N SER A 13 5.33 2.86 -2.92
CA SER A 13 4.09 3.49 -3.37
C SER A 13 4.19 3.90 -4.83
N LEU A 14 4.02 2.95 -5.73
CA LEU A 14 4.10 3.22 -7.16
C LEU A 14 2.85 3.96 -7.64
N LEU A 15 2.70 4.08 -8.96
CA LEU A 15 1.55 4.75 -9.53
C LEU A 15 0.25 4.12 -9.01
N LYS A 1 -10.40 -6.86 8.14
CA LYS A 1 -9.39 -6.84 7.10
C LYS A 1 -9.26 -5.43 6.51
N LYS A 2 -8.17 -5.19 5.78
CA LYS A 2 -7.95 -3.89 5.18
C LYS A 2 -6.82 -3.97 4.15
N LEU A 3 -6.94 -4.92 3.23
CA LEU A 3 -5.93 -5.09 2.20
C LEU A 3 -6.06 -3.93 1.21
N LEU A 4 -6.95 -3.00 1.52
CA LEU A 4 -7.16 -1.83 0.66
C LEU A 4 -5.81 -1.18 0.33
N PRO A 5 -5.68 -0.49 -0.84
CA PRO A 5 -4.43 0.19 -1.21
C PRO A 5 -3.80 0.96 -0.05
N ILE A 6 -3.03 0.26 0.79
CA ILE A 6 -2.35 0.91 1.93
C ILE A 6 -1.06 0.15 2.23
N VAL A 7 -1.13 -1.17 2.22
CA VAL A 7 0.05 -1.99 2.49
C VAL A 7 1.13 -1.72 1.48
N ALA A 8 0.66 -1.36 0.34
CA ALA A 8 1.51 -1.03 -0.81
C ALA A 8 2.20 0.31 -0.60
N ASN A 9 1.47 1.26 -0.04
CA ASN A 9 2.03 2.60 0.20
C ASN A 9 3.34 2.50 0.96
N LEU A 10 3.44 1.52 1.86
CA LEU A 10 4.65 1.34 2.65
C LEU A 10 5.75 0.68 1.80
N LEU A 11 5.36 -0.30 0.99
CA LEU A 11 6.32 -1.00 0.15
C LEU A 11 7.15 0.01 -0.66
N LYS A 12 6.53 0.57 -1.70
CA LYS A 12 7.22 1.55 -2.54
C LYS A 12 6.22 2.31 -3.41
N SER A 13 5.39 3.13 -2.76
CA SER A 13 4.40 3.91 -3.48
C SER A 13 3.55 3.01 -4.38
N LEU A 14 2.53 3.59 -5.00
CA LEU A 14 1.66 2.84 -5.90
C LEU A 14 2.32 2.66 -7.26
N LEU A 15 3.10 1.58 -7.40
CA LEU A 15 3.78 1.30 -8.65
C LEU A 15 4.23 -0.16 -8.70
N LYS A 1 -8.19 -8.02 6.13
CA LYS A 1 -7.81 -7.01 7.11
C LYS A 1 -7.43 -5.71 6.42
N LYS A 2 -8.37 -5.14 5.67
CA LYS A 2 -8.13 -3.89 4.96
C LYS A 2 -6.93 -4.03 4.04
N LEU A 3 -6.93 -5.07 3.23
CA LEU A 3 -5.84 -5.30 2.29
C LEU A 3 -5.88 -4.21 1.21
N LEU A 4 -6.83 -3.30 1.35
CA LEU A 4 -6.97 -2.21 0.39
C LEU A 4 -5.64 -1.48 0.21
N PRO A 5 -5.36 -0.88 -0.98
CA PRO A 5 -4.10 -0.16 -1.21
C PRO A 5 -3.71 0.75 -0.03
N ILE A 6 -3.02 0.18 0.96
CA ILE A 6 -2.59 0.94 2.13
C ILE A 6 -1.26 0.39 2.64
N VAL A 7 -1.20 -0.93 2.87
CA VAL A 7 0.01 -1.56 3.35
C VAL A 7 1.06 -1.58 2.28
N ALA A 8 0.56 -1.64 1.09
CA ALA A 8 1.38 -1.66 -0.11
C ALA A 8 1.86 -0.25 -0.48
N ASN A 9 0.99 0.73 -0.26
CA ASN A 9 1.33 2.12 -0.56
C ASN A 9 2.68 2.49 0.04
N LEU A 10 3.04 1.82 1.14
CA LEU A 10 4.31 2.10 1.80
C LEU A 10 5.47 1.44 1.05
N LEU A 11 5.26 0.18 0.65
CA LEU A 11 6.29 -0.55 -0.07
C LEU A 11 6.57 0.11 -1.42
N LYS A 12 5.55 0.17 -2.27
CA LYS A 12 5.69 0.77 -3.59
C LYS A 12 6.35 2.14 -3.50
N SER A 13 5.66 3.08 -2.86
CA SER A 13 6.19 4.43 -2.71
C SER A 13 7.36 4.45 -1.75
N LEU A 14 8.21 5.46 -1.86
CA LEU A 14 9.37 5.58 -0.98
C LEU A 14 8.93 5.92 0.44
N LEU A 15 8.14 6.98 0.58
CA LEU A 15 7.65 7.40 1.88
C LEU A 15 6.58 6.43 2.38
N LYS A 1 -11.34 -8.79 3.66
CA LYS A 1 -10.86 -7.92 4.74
C LYS A 1 -9.39 -7.60 4.53
N LYS A 2 -8.93 -6.50 5.13
CA LYS A 2 -7.53 -6.10 4.99
C LYS A 2 -7.15 -6.01 3.52
N LEU A 3 -5.85 -6.00 3.27
CA LEU A 3 -5.35 -5.90 1.90
C LEU A 3 -5.83 -4.59 1.29
N LEU A 4 -6.50 -3.77 2.10
CA LEU A 4 -7.00 -2.48 1.63
C LEU A 4 -5.88 -1.73 0.88
N PRO A 5 -6.24 -0.77 0.00
CA PRO A 5 -5.24 0.00 -0.76
C PRO A 5 -4.42 0.91 0.16
N ILE A 6 -3.42 0.32 0.82
CA ILE A 6 -2.55 1.08 1.73
C ILE A 6 -1.18 0.40 1.83
N VAL A 7 -1.20 -0.92 2.01
CA VAL A 7 0.05 -1.68 2.12
C VAL A 7 0.97 -1.35 0.98
N ALA A 8 0.34 -1.01 -0.09
CA ALA A 8 1.02 -0.65 -1.33
C ALA A 8 1.93 0.56 -1.10
N ASN A 9 1.46 1.52 -0.33
CA ASN A 9 2.24 2.71 -0.04
C ASN A 9 3.46 2.36 0.80
N LEU A 10 3.32 1.32 1.63
CA LEU A 10 4.43 0.89 2.48
C LEU A 10 5.47 0.14 1.66
N LEU A 11 5.02 -0.57 0.64
CA LEU A 11 5.94 -1.33 -0.22
C LEU A 11 7.06 -0.43 -0.71
N LYS A 12 6.69 0.73 -1.25
CA LYS A 12 7.68 1.68 -1.76
C LYS A 12 7.02 3.00 -2.11
N SER A 13 6.26 3.02 -3.21
CA SER A 13 5.58 4.23 -3.63
C SER A 13 4.62 3.93 -4.77
N LEU A 14 3.66 4.84 -4.98
CA LEU A 14 2.68 4.65 -6.05
C LEU A 14 3.37 4.64 -7.41
N LEU A 15 2.60 4.38 -8.46
CA LEU A 15 3.15 4.34 -9.81
C LEU A 15 3.49 5.76 -10.28
N LYS A 1 -13.86 -4.60 1.20
CA LYS A 1 -12.72 -5.51 1.21
C LYS A 1 -11.46 -4.77 1.64
N LYS A 2 -10.63 -5.45 2.44
CA LYS A 2 -9.38 -4.86 2.91
C LYS A 2 -8.32 -4.88 1.81
N LEU A 3 -7.07 -5.03 2.22
CA LEU A 3 -5.98 -5.03 1.26
C LEU A 3 -6.02 -3.74 0.44
N LEU A 4 -6.89 -2.82 0.85
CA LEU A 4 -7.03 -1.55 0.15
C LEU A 4 -5.65 -0.88 0.00
N PRO A 5 -5.43 -0.05 -1.06
CA PRO A 5 -4.14 0.63 -1.26
C PRO A 5 -3.56 1.23 0.04
N ILE A 6 -2.89 0.39 0.84
CA ILE A 6 -2.28 0.84 2.08
C ILE A 6 -1.05 -0.01 2.39
N VAL A 7 -1.24 -1.32 2.41
CA VAL A 7 -0.14 -2.23 2.70
C VAL A 7 1.00 -2.01 1.72
N ALA A 8 0.58 -1.59 0.58
CA ALA A 8 1.49 -1.30 -0.54
C ALA A 8 2.22 0.02 -0.30
N ASN A 9 1.50 1.00 0.23
CA ASN A 9 2.09 2.30 0.50
C ASN A 9 3.37 2.15 1.33
N LEU A 10 3.42 1.09 2.13
CA LEU A 10 4.60 0.84 2.96
C LEU A 10 5.82 0.57 2.09
N LEU A 11 5.61 -0.09 0.96
CA LEU A 11 6.71 -0.41 0.06
C LEU A 11 7.24 0.85 -0.60
N LYS A 12 6.52 1.34 -1.61
CA LYS A 12 6.93 2.56 -2.32
C LYS A 12 5.91 2.93 -3.39
N SER A 13 4.66 2.51 -3.17
CA SER A 13 3.60 2.80 -4.13
C SER A 13 3.98 2.33 -5.52
N LEU A 14 3.83 1.03 -5.76
CA LEU A 14 4.17 0.45 -7.06
C LEU A 14 5.59 0.84 -7.45
N LEU A 15 5.99 0.47 -8.67
CA LEU A 15 7.33 0.78 -9.16
C LEU A 15 7.48 2.30 -9.33
N LYS A 1 -8.47 -8.21 8.60
CA LYS A 1 -8.15 -8.00 7.19
C LYS A 1 -7.91 -6.52 6.91
N LYS A 2 -6.98 -6.23 6.01
CA LYS A 2 -6.66 -4.85 5.65
C LYS A 2 -5.80 -4.81 4.40
N LEU A 3 -6.15 -5.65 3.42
CA LEU A 3 -5.42 -5.67 2.17
C LEU A 3 -5.73 -4.43 1.37
N LEU A 4 -6.48 -3.52 1.99
CA LEU A 4 -6.85 -2.26 1.33
C LEU A 4 -5.60 -1.61 0.73
N PRO A 5 -5.71 -0.89 -0.41
CA PRO A 5 -4.55 -0.25 -1.04
C PRO A 5 -3.91 0.80 -0.12
N ILE A 6 -3.18 0.33 0.88
CA ILE A 6 -2.51 1.22 1.83
C ILE A 6 -1.21 0.59 2.32
N VAL A 7 -1.26 -0.71 2.62
CA VAL A 7 -0.07 -1.42 3.09
C VAL A 7 0.91 -1.60 1.97
N ALA A 8 0.31 -1.69 0.81
CA ALA A 8 1.05 -1.87 -0.44
C ALA A 8 1.60 -0.55 -0.93
N ASN A 9 0.93 0.53 -0.58
CA ASN A 9 1.35 1.87 -1.00
C ASN A 9 2.71 2.22 -0.38
N LEU A 10 2.88 1.84 0.88
CA LEU A 10 4.14 2.12 1.58
C LEU A 10 5.28 1.31 0.97
N LEU A 11 4.95 0.15 0.43
CA LEU A 11 5.96 -0.71 -0.19
C LEU A 11 6.68 0.04 -1.32
N LYS A 12 5.95 0.32 -2.39
CA LYS A 12 6.52 1.04 -3.52
C LYS A 12 7.04 2.40 -3.08
N SER A 13 6.13 3.27 -2.65
CA SER A 13 6.51 4.61 -2.21
C SER A 13 7.40 4.52 -0.98
N LEU A 14 8.62 5.04 -1.10
CA LEU A 14 9.56 5.01 0.01
C LEU A 14 8.96 5.72 1.23
N LEU A 15 8.42 6.91 1.00
CA LEU A 15 7.81 7.67 2.08
C LEU A 15 6.69 6.86 2.74
N LYS A 1 -10.72 -8.48 5.00
CA LYS A 1 -9.51 -8.24 4.25
C LYS A 1 -9.09 -6.77 4.34
N LYS A 2 -7.95 -6.45 3.74
CA LYS A 2 -7.46 -5.07 3.77
C LYS A 2 -6.29 -4.90 2.81
N LEU A 3 -6.27 -5.71 1.77
CA LEU A 3 -5.20 -5.62 0.78
C LEU A 3 -5.34 -4.31 0.01
N LEU A 4 -6.32 -3.49 0.40
CA LEU A 4 -6.56 -2.21 -0.25
C LEU A 4 -5.34 -1.31 -0.07
N PRO A 5 -5.04 -0.41 -1.04
CA PRO A 5 -3.88 0.51 -0.95
C PRO A 5 -3.63 1.02 0.48
N ILE A 6 -2.92 0.22 1.28
CA ILE A 6 -2.60 0.60 2.66
C ILE A 6 -1.17 0.17 2.97
N VAL A 7 -0.97 -1.12 3.19
CA VAL A 7 0.35 -1.66 3.48
C VAL A 7 1.20 -1.67 2.24
N ALA A 8 0.50 -1.80 1.17
CA ALA A 8 1.10 -1.84 -0.16
C ALA A 8 1.49 -0.43 -0.61
N ASN A 9 0.84 0.57 -0.02
CA ASN A 9 1.12 1.96 -0.37
C ASN A 9 2.52 2.36 0.08
N LEU A 10 2.85 2.02 1.33
CA LEU A 10 4.17 2.36 1.88
C LEU A 10 5.24 1.47 1.28
N LEU A 11 4.83 0.36 0.68
CA LEU A 11 5.78 -0.57 0.07
C LEU A 11 6.34 0.02 -1.22
N LYS A 12 5.48 0.13 -2.23
CA LYS A 12 5.90 0.66 -3.53
C LYS A 12 6.57 2.02 -3.35
N SER A 13 5.84 2.98 -2.79
CA SER A 13 6.37 4.32 -2.59
C SER A 13 6.89 4.90 -3.90
N LEU A 14 7.54 6.05 -3.83
CA LEU A 14 8.08 6.69 -5.02
C LEU A 14 9.18 5.84 -5.63
N LEU A 15 10.34 5.83 -4.98
CA LEU A 15 11.48 5.05 -5.47
C LEU A 15 11.22 3.56 -5.27
N LYS A 1 -12.30 -7.18 5.46
CA LYS A 1 -11.11 -6.36 5.54
C LYS A 1 -10.57 -6.06 4.14
N LYS A 2 -9.95 -4.90 3.99
CA LYS A 2 -9.39 -4.50 2.70
C LYS A 2 -8.59 -3.22 2.84
N LEU A 3 -7.74 -3.18 3.85
CA LEU A 3 -6.88 -2.02 4.08
C LEU A 3 -5.59 -2.24 3.31
N LEU A 4 -5.66 -3.17 2.34
CA LEU A 4 -4.49 -3.49 1.52
C LEU A 4 -4.08 -2.32 0.61
N PRO A 5 -5.04 -1.53 0.08
CA PRO A 5 -4.71 -0.39 -0.80
C PRO A 5 -3.75 0.58 -0.13
N ILE A 6 -3.82 0.67 1.20
CA ILE A 6 -2.95 1.56 1.95
C ILE A 6 -1.57 0.93 2.15
N VAL A 7 -1.56 -0.30 2.69
CA VAL A 7 -0.32 -1.00 2.92
C VAL A 7 0.46 -1.12 1.64
N ALA A 8 -0.29 -1.14 0.60
CA ALA A 8 0.24 -1.26 -0.76
C ALA A 8 1.01 0.01 -1.13
N ASN A 9 0.58 1.14 -0.59
CA ASN A 9 1.24 2.41 -0.88
C ASN A 9 2.65 2.42 -0.31
N LEU A 10 2.83 1.80 0.84
CA LEU A 10 4.14 1.74 1.48
C LEU A 10 5.06 0.79 0.73
N LEU A 11 4.46 -0.15 0.00
CA LEU A 11 5.24 -1.12 -0.77
C LEU A 11 6.18 -0.40 -1.72
N LYS A 12 5.61 0.44 -2.58
CA LYS A 12 6.42 1.18 -3.55
C LYS A 12 7.24 2.26 -2.85
N SER A 13 6.71 2.75 -1.73
CA SER A 13 7.40 3.78 -0.97
C SER A 13 7.69 5.00 -1.84
N LEU A 14 8.05 6.10 -1.21
CA LEU A 14 8.36 7.33 -1.95
C LEU A 14 9.68 7.17 -2.71
N LEU A 15 9.57 7.04 -4.02
CA LEU A 15 10.76 6.88 -4.85
C LEU A 15 11.61 8.16 -4.83
N LYS A 1 -12.65 -1.99 4.26
CA LYS A 1 -12.22 -2.90 3.19
C LYS A 1 -11.28 -2.18 2.24
N LYS A 2 -10.69 -2.95 1.32
CA LYS A 2 -9.76 -2.38 0.34
C LYS A 2 -8.60 -1.69 1.04
N LEU A 3 -7.93 -2.42 1.93
CA LEU A 3 -6.79 -1.88 2.64
C LEU A 3 -5.55 -2.03 1.75
N LEU A 4 -5.78 -2.48 0.52
CA LEU A 4 -4.70 -2.67 -0.44
C LEU A 4 -3.82 -1.42 -0.56
N PRO A 5 -4.37 -0.26 -1.00
CA PRO A 5 -3.57 0.96 -1.16
C PRO A 5 -2.75 1.29 0.10
N ILE A 6 -3.23 0.83 1.26
CA ILE A 6 -2.53 1.10 2.50
C ILE A 6 -1.26 0.24 2.59
N VAL A 7 -1.42 -1.07 2.40
CA VAL A 7 -0.28 -1.98 2.45
C VAL A 7 0.74 -1.60 1.42
N ALA A 8 0.21 -1.03 0.38
CA ALA A 8 1.01 -0.57 -0.75
C ALA A 8 1.86 0.62 -0.35
N ASN A 9 1.31 1.48 0.50
CA ASN A 9 2.02 2.67 0.95
C ASN A 9 3.39 2.29 1.51
N LEU A 10 3.42 1.22 2.31
CA LEU A 10 4.66 0.76 2.90
C LEU A 10 5.67 0.39 1.80
N LEU A 11 5.20 -0.37 0.81
CA LEU A 11 6.05 -0.77 -0.30
C LEU A 11 6.28 0.39 -1.26
N LYS A 12 5.82 1.57 -0.87
CA LYS A 12 5.98 2.75 -1.70
C LYS A 12 5.41 2.51 -3.09
N SER A 13 4.09 2.30 -3.16
CA SER A 13 3.44 2.06 -4.44
C SER A 13 4.13 0.93 -5.19
N LEU A 14 3.83 -0.30 -4.80
CA LEU A 14 4.43 -1.47 -5.45
C LEU A 14 3.73 -2.75 -4.99
N LEU A 15 2.63 -3.08 -5.63
CA LEU A 15 1.88 -4.28 -5.28
C LEU A 15 2.81 -5.49 -5.17
N LYS A 1 -14.79 -1.94 1.77
CA LYS A 1 -13.71 -1.95 2.75
C LYS A 1 -12.49 -1.20 2.23
N LYS A 2 -11.56 -0.89 3.13
CA LYS A 2 -10.34 -0.16 2.75
C LYS A 2 -9.19 -0.53 3.67
N LEU A 3 -8.12 0.24 3.60
CA LEU A 3 -6.93 -0.02 4.41
C LEU A 3 -6.18 -1.22 3.81
N LEU A 4 -6.78 -1.83 2.78
CA LEU A 4 -6.17 -2.97 2.12
C LEU A 4 -5.21 -2.55 0.99
N PRO A 5 -5.51 -1.45 0.26
CA PRO A 5 -4.66 -0.98 -0.84
C PRO A 5 -3.54 -0.06 -0.37
N ILE A 6 -3.71 0.53 0.81
CA ILE A 6 -2.70 1.44 1.34
C ILE A 6 -1.43 0.67 1.72
N VAL A 7 -1.61 -0.57 2.15
CA VAL A 7 -0.48 -1.41 2.54
C VAL A 7 0.54 -1.45 1.44
N ALA A 8 0.01 -1.33 0.27
CA ALA A 8 0.81 -1.35 -0.96
C ALA A 8 1.62 -0.06 -1.11
N ASN A 9 1.04 1.05 -0.65
CA ASN A 9 1.73 2.34 -0.74
C ASN A 9 2.99 2.34 0.10
N LEU A 10 3.01 1.52 1.14
CA LEU A 10 4.18 1.43 2.02
C LEU A 10 5.33 0.74 1.29
N LEU A 11 5.01 -0.21 0.43
CA LEU A 11 6.04 -0.93 -0.32
C LEU A 11 6.65 -0.02 -1.39
N LYS A 12 5.84 0.37 -2.36
CA LYS A 12 6.31 1.24 -3.43
C LYS A 12 7.02 2.47 -2.87
N SER A 13 6.28 3.27 -2.11
CA SER A 13 6.85 4.48 -1.52
C SER A 13 7.46 5.38 -2.60
N LEU A 14 7.71 6.63 -2.24
CA LEU A 14 8.29 7.58 -3.18
C LEU A 14 9.76 7.28 -3.42
N LEU A 15 10.39 8.03 -4.31
CA LEU A 15 11.80 7.85 -4.61
C LEU A 15 12.63 7.92 -3.33
N LYS A 1 -10.50 -7.19 2.02
CA LYS A 1 -9.50 -7.29 0.96
C LYS A 1 -8.17 -6.70 1.43
N LYS A 2 -7.08 -7.40 1.11
CA LYS A 2 -5.73 -6.96 1.50
C LYS A 2 -5.04 -6.26 0.33
N LEU A 3 -3.75 -6.05 0.47
CA LEU A 3 -2.98 -5.36 -0.56
C LEU A 3 -3.58 -3.98 -0.79
N LEU A 4 -4.53 -3.60 0.08
CA LEU A 4 -5.17 -2.29 -0.04
C LEU A 4 -4.14 -1.20 -0.29
N PRO A 5 -4.48 -0.13 -1.05
CA PRO A 5 -3.54 0.97 -1.33
C PRO A 5 -2.68 1.33 -0.11
N ILE A 6 -3.26 1.16 1.09
CA ILE A 6 -2.54 1.46 2.31
C ILE A 6 -1.41 0.47 2.56
N VAL A 7 -1.73 -0.81 2.51
CA VAL A 7 -0.73 -1.86 2.73
C VAL A 7 0.42 -1.70 1.77
N ALA A 8 0.06 -1.16 0.65
CA ALA A 8 0.99 -0.91 -0.44
C ALA A 8 1.87 0.31 -0.15
N ASN A 9 1.28 1.31 0.48
CA ASN A 9 2.01 2.53 0.81
C ASN A 9 3.31 2.20 1.54
N LEU A 10 3.31 1.11 2.28
CA LEU A 10 4.50 0.69 3.03
C LEU A 10 5.63 0.31 2.07
N LEU A 11 5.29 -0.47 1.05
CA LEU A 11 6.29 -0.90 0.07
C LEU A 11 6.77 0.29 -0.75
N LYS A 12 6.24 0.42 -1.97
CA LYS A 12 6.62 1.52 -2.86
C LYS A 12 5.47 1.86 -3.80
N SER A 13 4.38 2.39 -3.23
CA SER A 13 3.22 2.76 -4.03
C SER A 13 3.50 4.03 -4.83
N LEU A 14 2.44 4.64 -5.34
CA LEU A 14 2.57 5.86 -6.12
C LEU A 14 1.21 6.50 -6.36
N LEU A 15 1.21 7.65 -7.04
CA LEU A 15 -0.03 8.36 -7.34
C LEU A 15 -0.76 7.68 -8.50
N LYS A 1 -8.85 -8.48 5.58
CA LYS A 1 -8.11 -8.42 4.33
C LYS A 1 -7.88 -6.96 3.92
N LYS A 2 -7.10 -6.25 4.72
CA LYS A 2 -6.81 -4.84 4.44
C LYS A 2 -5.79 -4.71 3.31
N LEU A 3 -5.92 -5.58 2.32
CA LEU A 3 -5.01 -5.53 1.18
C LEU A 3 -5.29 -4.28 0.36
N LEU A 4 -6.21 -3.46 0.85
CA LEU A 4 -6.57 -2.23 0.14
C LEU A 4 -5.34 -1.31 0.03
N PRO A 5 -5.24 -0.48 -1.04
CA PRO A 5 -4.10 0.45 -1.21
C PRO A 5 -3.66 1.14 0.09
N ILE A 6 -2.90 0.43 0.92
CA ILE A 6 -2.40 0.99 2.18
C ILE A 6 -1.08 0.32 2.55
N VAL A 7 -1.14 -0.97 2.83
CA VAL A 7 0.05 -1.72 3.19
C VAL A 7 1.06 -1.67 2.08
N ALA A 8 0.51 -1.54 0.92
CA ALA A 8 1.29 -1.46 -0.31
C ALA A 8 1.92 -0.08 -0.46
N ASN A 9 1.14 0.96 -0.20
CA ASN A 9 1.62 2.34 -0.30
C ASN A 9 2.93 2.49 0.47
N LEU A 10 3.15 1.61 1.44
CA LEU A 10 4.36 1.66 2.25
C LEU A 10 5.55 1.14 1.43
N LEU A 11 5.44 -0.10 0.95
CA LEU A 11 6.52 -0.70 0.16
C LEU A 11 6.70 0.09 -1.14
N LYS A 12 5.82 -0.15 -2.10
CA LYS A 12 5.90 0.54 -3.38
C LYS A 12 6.08 2.04 -3.19
N SER A 13 5.03 2.71 -2.72
CA SER A 13 5.08 4.14 -2.50
C SER A 13 5.46 4.89 -3.77
N LEU A 14 4.46 5.47 -4.43
CA LEU A 14 4.70 6.21 -5.66
C LEU A 14 5.52 7.46 -5.37
N LEU A 15 5.17 8.16 -4.31
CA LEU A 15 5.89 9.38 -3.93
C LEU A 15 7.22 9.03 -3.25
#